data_2QLJ
#
_entry.id   2QLJ
#
_cell.length_a   88.504
_cell.length_b   88.504
_cell.length_c   187.220
_cell.angle_alpha   90.00
_cell.angle_beta   90.00
_cell.angle_gamma   120.00
#
_symmetry.space_group_name_H-M   'P 32 2 1'
#
loop_
_entity.id
_entity.type
_entity.pdbx_description
1 polymer Caspase-7
2 polymer Caspase-7
3 polymer 'Inhibitor AC-WEHD-CHO'
4 polymer 'Peptide QGHGE'
5 non-polymer 'CITRIC ACID'
6 water water
#
loop_
_entity_poly.entity_id
_entity_poly.type
_entity_poly.pdbx_seq_one_letter_code
_entity_poly.pdbx_strand_id
1 'polypeptide(L)'
;AKPDRSSFVPSLFSKKKKNVTMRSIKTTRDRVPTYQYNMNFEKLGKCIIINNKNFDKVTGMGVRNGTDKDAEALFKCFRS
LGFDVIVYNDCSCAKMQDLLKKASEEDHTNAACFACILLSHGEENVIYGKDGVTPIKDLTAHFRGDRCKTLLEKPKLFFI
QACRGTELDDGIQ
;
A,C
2 'polypeptide(L)'
;ANPRYKIPVEADFLFAYSTVPGYYSWRSPGRGSWFVQALCSILEEHGKDLEIMQILTRVNDRVARHFESQSDDPHFHEKK
QIPCVVSMLTKELYFSQ
;
B,D
3 'polypeptide(L)' (ACE)WEH(ASJ) E,F
4 'polypeptide(L)' QGHGE G
#
# COMPACT_ATOMS: atom_id res chain seq x y z
N THR A 34 16.68 -12.70 -9.62
CA THR A 34 15.51 -13.33 -10.28
C THR A 34 14.19 -12.70 -9.81
N TYR A 35 13.32 -13.52 -9.24
CA TYR A 35 12.03 -13.07 -8.75
C TYR A 35 11.95 -12.90 -7.23
N GLN A 36 13.05 -13.15 -6.53
CA GLN A 36 13.06 -13.00 -5.07
C GLN A 36 14.29 -12.25 -4.59
N TYR A 37 14.14 -11.47 -3.54
CA TYR A 37 15.29 -10.74 -3.01
C TYR A 37 16.32 -11.77 -2.57
N ASN A 38 17.59 -11.40 -2.68
CA ASN A 38 18.67 -12.29 -2.28
C ASN A 38 18.86 -12.21 -0.77
N MET A 39 18.83 -13.37 -0.11
CA MET A 39 18.99 -13.44 1.34
C MET A 39 20.33 -14.04 1.74
N ASN A 40 21.18 -14.29 0.75
CA ASN A 40 22.48 -14.89 0.97
C ASN A 40 23.55 -13.90 1.49
N PHE A 41 23.35 -13.43 2.72
CA PHE A 41 24.27 -12.49 3.37
C PHE A 41 24.60 -13.03 4.75
N GLU A 42 25.63 -12.48 5.39
CA GLU A 42 25.98 -12.95 6.72
C GLU A 42 24.85 -12.65 7.71
N LYS A 43 24.37 -11.42 7.70
CA LYS A 43 23.30 -10.97 8.58
C LYS A 43 21.96 -10.81 7.85
N LEU A 44 20.86 -11.01 8.57
CA LEU A 44 19.54 -10.81 7.99
C LEU A 44 19.37 -9.30 7.99
N GLY A 45 19.76 -8.67 9.08
CA GLY A 45 19.67 -7.22 9.16
C GLY A 45 19.36 -6.64 10.53
N LYS A 46 19.47 -5.33 10.66
CA LYS A 46 19.18 -4.68 11.93
C LYS A 46 17.68 -4.42 12.04
N CYS A 47 17.15 -4.53 13.25
CA CYS A 47 15.74 -4.27 13.47
C CYS A 47 15.59 -3.29 14.62
N ILE A 48 15.19 -2.05 14.30
CA ILE A 48 15.01 -1.04 15.32
C ILE A 48 13.56 -1.05 15.77
N ILE A 49 13.35 -1.16 17.07
CA ILE A 49 12.00 -1.14 17.63
C ILE A 49 11.91 0.07 18.54
N ILE A 50 11.10 1.05 18.15
CA ILE A 50 10.92 2.24 18.99
C ILE A 50 9.62 2.06 19.76
N ASN A 51 9.75 1.88 21.07
CA ASN A 51 8.60 1.63 21.94
C ASN A 51 8.25 2.80 22.85
N ASN A 52 7.43 3.72 22.36
CA ASN A 52 7.02 4.89 23.14
C ASN A 52 5.78 4.59 23.99
N LYS A 53 5.97 4.59 25.31
CA LYS A 53 4.88 4.28 26.23
C LYS A 53 4.45 5.46 27.10
N ASN A 54 5.41 6.24 27.55
CA ASN A 54 5.14 7.38 28.41
C ASN A 54 5.43 8.69 27.68
N PHE A 55 4.53 9.65 27.78
CA PHE A 55 4.72 10.93 27.10
C PHE A 55 4.73 12.14 28.02
N ASP A 56 5.29 13.25 27.52
CA ASP A 56 5.36 14.47 28.29
C ASP A 56 3.96 15.02 28.47
N LYS A 57 3.78 15.76 29.56
CA LYS A 57 2.51 16.38 29.90
C LYS A 57 2.05 17.33 28.80
N VAL A 58 2.98 18.14 28.30
CA VAL A 58 2.70 19.11 27.26
C VAL A 58 2.04 18.54 26.00
N THR A 59 2.30 17.26 25.70
CA THR A 59 1.72 16.62 24.53
C THR A 59 0.26 16.25 24.77
N GLY A 60 -0.10 16.06 26.03
CA GLY A 60 -1.47 15.71 26.36
C GLY A 60 -1.81 14.26 26.03
N MET A 61 -0.79 13.46 25.75
CA MET A 61 -1.01 12.06 25.41
C MET A 61 -0.91 11.14 26.63
N GLY A 62 -1.84 10.20 26.73
CA GLY A 62 -1.83 9.28 27.85
C GLY A 62 -0.95 8.07 27.65
N VAL A 63 -0.67 7.37 28.75
CA VAL A 63 0.17 6.19 28.72
C VAL A 63 -0.41 5.07 27.85
N ARG A 64 0.46 4.45 27.06
CA ARG A 64 0.06 3.38 26.16
C ARG A 64 0.23 2.00 26.80
N ASN A 65 -0.62 1.68 27.77
CA ASN A 65 -0.56 0.39 28.44
C ASN A 65 -0.66 -0.76 27.45
N GLY A 66 0.13 -1.79 27.68
CA GLY A 66 0.10 -2.92 26.78
C GLY A 66 1.14 -2.81 25.67
N THR A 67 1.73 -1.64 25.52
CA THR A 67 2.74 -1.45 24.48
C THR A 67 4.00 -2.24 24.81
N ASP A 68 4.19 -2.58 26.08
CA ASP A 68 5.35 -3.35 26.49
C ASP A 68 5.12 -4.80 26.10
N LYS A 69 3.86 -5.22 26.10
CA LYS A 69 3.51 -6.57 25.70
C LYS A 69 3.85 -6.72 24.23
N ASP A 70 3.49 -5.72 23.44
CA ASP A 70 3.77 -5.75 22.01
C ASP A 70 5.29 -5.80 21.77
N ALA A 71 6.00 -4.85 22.38
CA ALA A 71 7.45 -4.75 22.21
C ALA A 71 8.17 -6.07 22.47
N GLU A 72 7.77 -6.79 23.51
CA GLU A 72 8.42 -8.05 23.81
C GLU A 72 8.07 -9.13 22.80
N ALA A 73 6.80 -9.21 22.41
CA ALA A 73 6.39 -10.22 21.43
C ALA A 73 7.10 -9.92 20.12
N LEU A 74 7.15 -8.64 19.78
CA LEU A 74 7.81 -8.21 18.57
C LEU A 74 9.30 -8.55 18.65
N PHE A 75 9.91 -8.31 19.81
CA PHE A 75 11.33 -8.58 19.98
C PHE A 75 11.64 -10.04 19.70
N LYS A 76 10.84 -10.94 20.26
CA LYS A 76 11.05 -12.37 20.06
C LYS A 76 10.84 -12.80 18.61
N CYS A 77 9.76 -12.32 18.00
CA CYS A 77 9.48 -12.69 16.61
C CYS A 77 10.59 -12.29 15.66
N PHE A 78 10.91 -11.01 15.62
CA PHE A 78 11.94 -10.57 14.70
C PHE A 78 13.30 -11.18 15.04
N ARG A 79 13.52 -11.47 16.32
CA ARG A 79 14.77 -12.08 16.75
C ARG A 79 14.83 -13.48 16.12
N SER A 80 13.71 -14.21 16.19
CA SER A 80 13.59 -15.56 15.63
C SER A 80 13.71 -15.60 14.12
N LEU A 81 13.38 -14.49 13.47
CA LEU A 81 13.47 -14.44 12.02
C LEU A 81 14.94 -14.34 11.66
N GLY A 82 15.75 -13.83 12.59
CA GLY A 82 17.17 -13.69 12.34
C GLY A 82 17.67 -12.26 12.41
N PHE A 83 16.83 -11.34 12.88
CA PHE A 83 17.18 -9.93 13.00
C PHE A 83 18.00 -9.62 14.26
N ASP A 84 18.85 -8.61 14.17
CA ASP A 84 19.64 -8.15 15.29
C ASP A 84 18.83 -6.97 15.80
N VAL A 85 17.85 -7.24 16.64
CA VAL A 85 16.98 -6.20 17.13
C VAL A 85 17.41 -5.51 18.43
N ILE A 86 17.17 -4.20 18.49
CA ILE A 86 17.47 -3.40 19.66
C ILE A 86 16.21 -2.61 19.96
N VAL A 87 15.86 -2.44 21.24
CA VAL A 87 14.65 -1.71 21.60
C VAL A 87 14.93 -0.41 22.36
N TYR A 88 14.48 0.71 21.79
CA TYR A 88 14.67 2.03 22.39
C TYR A 88 13.35 2.50 22.98
N ASN A 89 13.35 2.92 24.25
CA ASN A 89 12.13 3.37 24.92
C ASN A 89 11.91 4.86 25.10
N ASP A 90 10.63 5.26 25.12
CA ASP A 90 10.21 6.65 25.26
C ASP A 90 11.22 7.58 24.61
N CYS A 91 11.19 7.63 23.28
CA CYS A 91 12.11 8.48 22.55
C CYS A 91 11.52 9.84 22.23
N SER A 92 12.40 10.84 22.19
CA SER A 92 11.99 12.20 21.86
C SER A 92 12.03 12.25 20.35
N CYS A 93 11.41 13.26 19.75
CA CYS A 93 11.41 13.35 18.31
C CYS A 93 12.84 13.45 17.75
N ALA A 94 13.72 14.15 18.46
CA ALA A 94 15.10 14.29 18.03
C ALA A 94 15.79 12.94 18.13
N LYS A 95 15.45 12.20 19.19
CA LYS A 95 16.03 10.88 19.42
C LYS A 95 15.66 9.90 18.31
N MET A 96 14.37 9.81 18.00
CA MET A 96 13.92 8.91 16.94
C MET A 96 14.58 9.29 15.63
N GLN A 97 14.65 10.60 15.38
CA GLN A 97 15.26 11.11 14.17
C GLN A 97 16.73 10.72 14.09
N ASP A 98 17.45 10.90 15.20
CA ASP A 98 18.86 10.57 15.25
C ASP A 98 19.07 9.07 15.09
N LEU A 99 18.24 8.27 15.74
CA LEU A 99 18.33 6.81 15.66
C LEU A 99 18.26 6.34 14.21
N LEU A 100 17.22 6.77 13.50
CA LEU A 100 17.05 6.38 12.10
C LEU A 100 18.17 6.92 11.23
N LYS A 101 18.54 8.19 11.44
CA LYS A 101 19.62 8.78 10.66
C LYS A 101 20.91 8.00 10.83
N LYS A 102 21.28 7.76 12.09
CA LYS A 102 22.49 7.00 12.41
C LYS A 102 22.45 5.61 11.79
N ALA A 103 21.32 4.93 11.95
CA ALA A 103 21.20 3.59 11.40
C ALA A 103 21.35 3.58 9.88
N SER A 104 20.92 4.66 9.23
CA SER A 104 21.04 4.75 7.78
C SER A 104 22.48 4.98 7.37
N GLU A 105 23.28 5.48 8.32
CA GLU A 105 24.69 5.75 8.05
C GLU A 105 25.62 4.59 8.30
N GLU A 106 25.10 3.50 8.87
CA GLU A 106 25.90 2.32 9.11
C GLU A 106 26.23 1.61 7.81
N ASP A 107 26.94 0.49 7.89
CA ASP A 107 27.32 -0.28 6.71
C ASP A 107 26.48 -1.55 6.68
N HIS A 108 25.57 -1.63 5.71
CA HIS A 108 24.69 -2.77 5.57
C HIS A 108 25.14 -3.71 4.47
N THR A 109 26.39 -3.56 4.05
CA THR A 109 26.94 -4.39 2.99
C THR A 109 26.74 -5.88 3.23
N ASN A 110 26.85 -6.33 4.47
CA ASN A 110 26.67 -7.75 4.76
C ASN A 110 25.26 -8.09 5.24
N ALA A 111 24.35 -7.11 5.15
CA ALA A 111 22.96 -7.29 5.58
C ALA A 111 22.01 -7.57 4.41
N ALA A 112 21.03 -8.43 4.65
CA ALA A 112 20.05 -8.77 3.61
C ALA A 112 19.00 -7.68 3.48
N CYS A 113 18.64 -7.06 4.59
CA CYS A 113 17.64 -6.03 4.56
C CYS A 113 17.64 -5.24 5.86
N PHE A 114 16.69 -4.34 5.99
CA PHE A 114 16.55 -3.50 7.19
C PHE A 114 15.10 -3.49 7.64
N ALA A 115 14.86 -3.34 8.94
CA ALA A 115 13.49 -3.31 9.45
C ALA A 115 13.40 -2.36 10.62
N CYS A 116 12.29 -1.65 10.72
CA CYS A 116 12.07 -0.72 11.83
C CYS A 116 10.61 -0.83 12.25
N ILE A 117 10.39 -0.88 13.57
CA ILE A 117 9.05 -0.97 14.12
C ILE A 117 8.76 0.21 15.03
N LEU A 118 7.71 0.96 14.71
CA LEU A 118 7.32 2.11 15.51
C LEU A 118 6.03 1.83 16.28
N LEU A 119 6.09 1.93 17.60
CA LEU A 119 4.94 1.73 18.46
C LEU A 119 4.74 3.04 19.21
N SER A 120 3.66 3.75 18.92
CA SER A 120 3.43 5.01 19.59
C SER A 120 2.04 5.58 19.33
N HIS A 121 1.82 6.79 19.79
CA HIS A 121 0.62 7.53 19.51
C HIS A 121 0.87 8.10 18.17
N GLY A 122 -0.16 8.48 17.43
CA GLY A 122 0.10 9.06 16.13
C GLY A 122 -1.12 9.66 15.49
N GLU A 123 -0.88 10.39 14.41
CA GLU A 123 -1.92 11.03 13.65
C GLU A 123 -1.49 10.97 12.18
N GLU A 124 -2.45 11.02 11.28
CA GLU A 124 -2.19 11.00 9.85
C GLU A 124 -0.82 11.60 9.46
N ASN A 125 0.04 10.80 8.83
CA ASN A 125 1.36 11.22 8.38
C ASN A 125 2.43 11.51 9.42
N VAL A 126 2.04 11.51 10.69
CA VAL A 126 3.01 11.78 11.75
C VAL A 126 2.94 10.78 12.89
N ILE A 127 3.98 10.79 13.73
CA ILE A 127 4.00 9.91 14.88
C ILE A 127 4.53 10.70 16.08
N TYR A 128 4.15 10.27 17.27
CA TYR A 128 4.57 10.97 18.49
C TYR A 128 5.86 10.50 19.12
N GLY A 129 6.67 11.47 19.55
CA GLY A 129 7.86 11.20 20.31
C GLY A 129 7.32 11.41 21.72
N LYS A 130 8.16 11.42 22.74
CA LYS A 130 7.61 11.66 24.07
C LYS A 130 7.31 13.14 24.23
N ASP A 131 7.99 13.96 23.43
CA ASP A 131 7.83 15.41 23.51
C ASP A 131 7.03 16.08 22.41
N GLY A 132 6.48 15.29 21.48
CA GLY A 132 5.70 15.89 20.42
C GLY A 132 5.53 14.99 19.21
N VAL A 133 5.26 15.57 18.04
CA VAL A 133 5.10 14.76 16.84
C VAL A 133 6.23 14.98 15.86
N THR A 134 6.48 13.98 15.02
CA THR A 134 7.52 14.03 14.00
C THR A 134 6.99 13.30 12.76
N PRO A 135 7.25 13.87 11.57
CA PRO A 135 6.81 13.29 10.28
C PRO A 135 7.40 11.91 10.04
N ILE A 136 6.55 10.98 9.64
CA ILE A 136 6.98 9.63 9.37
C ILE A 136 7.90 9.57 8.16
N LYS A 137 7.68 10.44 7.19
CA LYS A 137 8.51 10.45 5.99
C LYS A 137 9.94 10.85 6.33
N ASP A 138 10.09 11.79 7.24
CA ASP A 138 11.42 12.24 7.63
C ASP A 138 12.21 11.13 8.31
N LEU A 139 11.50 10.17 8.88
CA LEU A 139 12.14 9.04 9.54
C LEU A 139 12.62 8.02 8.50
N THR A 140 11.74 7.71 7.55
CA THR A 140 12.05 6.73 6.51
C THR A 140 12.87 7.29 5.34
N ALA A 141 12.79 8.60 5.10
CA ALA A 141 13.52 9.21 4.00
C ALA A 141 15.01 8.90 4.05
N HIS A 142 15.56 8.83 5.26
CA HIS A 142 16.98 8.56 5.46
C HIS A 142 17.45 7.30 4.74
N PHE A 143 16.51 6.46 4.29
CA PHE A 143 16.89 5.22 3.62
C PHE A 143 16.69 5.19 2.12
N ARG A 144 16.37 6.33 1.53
CA ARG A 144 16.19 6.39 0.08
C ARG A 144 17.46 5.86 -0.56
N GLY A 145 17.35 5.32 -1.77
CA GLY A 145 18.53 4.78 -2.44
C GLY A 145 19.69 5.76 -2.50
N ASP A 146 19.37 7.02 -2.77
CA ASP A 146 20.39 8.06 -2.88
C ASP A 146 20.95 8.51 -1.53
N ARG A 147 20.54 7.85 -0.44
CA ARG A 147 21.02 8.23 0.89
C ARG A 147 21.46 7.07 1.76
N CYS A 148 21.53 5.88 1.18
CA CYS A 148 21.95 4.69 1.91
C CYS A 148 22.34 3.64 0.88
N LYS A 149 23.51 3.81 0.28
CA LYS A 149 24.01 2.91 -0.74
C LYS A 149 24.05 1.44 -0.33
N THR A 150 24.39 1.16 0.92
CA THR A 150 24.49 -0.21 1.39
C THR A 150 23.17 -0.97 1.52
N LEU A 151 22.06 -0.27 1.37
CA LEU A 151 20.74 -0.90 1.45
C LEU A 151 20.04 -0.81 0.09
N LEU A 152 20.75 -0.28 -0.90
CA LEU A 152 20.21 -0.14 -2.25
C LEU A 152 19.90 -1.51 -2.85
N GLU A 153 18.67 -1.68 -3.33
CA GLU A 153 18.23 -2.95 -3.91
C GLU A 153 17.91 -3.99 -2.84
N LYS A 154 17.91 -3.55 -1.58
CA LYS A 154 17.60 -4.42 -0.46
C LYS A 154 16.32 -3.88 0.16
N PRO A 155 15.44 -4.77 0.64
CA PRO A 155 14.18 -4.33 1.25
C PRO A 155 14.32 -3.55 2.55
N LYS A 156 13.55 -2.46 2.62
CA LYS A 156 13.51 -1.60 3.79
C LYS A 156 12.08 -1.71 4.33
N LEU A 157 11.93 -2.33 5.49
CA LEU A 157 10.62 -2.55 6.09
C LEU A 157 10.28 -1.69 7.30
N PHE A 158 9.10 -1.08 7.26
CA PHE A 158 8.62 -0.24 8.36
C PHE A 158 7.24 -0.70 8.79
N PHE A 159 7.10 -1.09 10.05
CA PHE A 159 5.84 -1.52 10.60
C PHE A 159 5.43 -0.44 11.58
N ILE A 160 4.25 0.13 11.41
CA ILE A 160 3.80 1.19 12.31
C ILE A 160 2.49 0.86 13.01
N GLN A 161 2.50 0.94 14.33
CA GLN A 161 1.32 0.69 15.15
C GLN A 161 1.02 2.04 15.79
N ALA A 162 0.11 2.77 15.18
CA ALA A 162 -0.26 4.10 15.66
C ALA A 162 -1.58 4.48 14.98
N CYS A 163 -2.20 5.56 15.43
CA CYS A 163 -3.44 6.00 14.83
C CYS A 163 -3.10 6.84 13.60
N ARG A 164 -4.06 6.99 12.69
CA ARG A 164 -3.82 7.77 11.49
C ARG A 164 -5.01 8.71 11.25
N GLY A 165 -5.77 8.94 12.30
CA GLY A 165 -6.94 9.79 12.21
C GLY A 165 -7.89 9.49 13.35
N THR A 166 -9.12 9.97 13.26
CA THR A 166 -10.10 9.75 14.33
C THR A 166 -11.37 9.03 13.92
N GLU A 167 -11.52 8.75 12.62
CA GLU A 167 -12.70 8.05 12.11
C GLU A 167 -12.76 6.61 12.61
N LEU A 168 -13.96 6.14 12.93
CA LEU A 168 -14.16 4.78 13.41
C LEU A 168 -14.82 3.89 12.37
N ASP A 169 -14.38 2.64 12.33
CA ASP A 169 -14.92 1.67 11.39
C ASP A 169 -16.06 0.93 12.10
N ASP A 170 -17.27 1.11 11.60
CA ASP A 170 -18.45 0.49 12.20
C ASP A 170 -18.66 -0.98 11.84
N GLY A 171 -18.21 -1.37 10.65
CA GLY A 171 -18.39 -2.74 10.22
C GLY A 171 -19.75 -2.89 9.56
N ILE A 172 -20.05 -4.09 9.07
CA ILE A 172 -21.33 -4.34 8.41
C ILE A 172 -21.69 -5.82 8.46
N GLN A 173 -22.99 -6.09 8.52
CA GLN A 173 -23.57 -7.44 8.58
C GLN A 173 -22.96 -8.36 9.64
N LYS B 6 20.21 2.58 -13.35
CA LYS B 6 19.66 3.40 -12.23
C LYS B 6 18.49 2.74 -11.51
N ILE B 7 18.28 3.13 -10.25
CA ILE B 7 17.21 2.58 -9.43
C ILE B 7 16.44 3.70 -8.72
N PRO B 8 15.09 3.69 -8.82
CA PRO B 8 14.27 4.72 -8.17
C PRO B 8 14.61 4.80 -6.68
N VAL B 9 14.83 6.01 -6.18
CA VAL B 9 15.20 6.17 -4.77
C VAL B 9 14.13 5.76 -3.77
N GLU B 10 12.89 5.65 -4.24
CA GLU B 10 11.78 5.29 -3.36
C GLU B 10 11.52 3.78 -3.37
N ALA B 11 12.13 3.08 -4.33
CA ALA B 11 11.98 1.63 -4.50
C ALA B 11 12.44 0.76 -3.33
N ASP B 12 11.90 -0.45 -3.28
CA ASP B 12 12.23 -1.44 -2.27
C ASP B 12 11.84 -1.10 -0.81
N PHE B 13 10.85 -0.23 -0.65
CA PHE B 13 10.35 0.13 0.67
C PHE B 13 9.03 -0.61 0.89
N LEU B 14 8.74 -1.01 2.13
CA LEU B 14 7.45 -1.62 2.43
C LEU B 14 6.98 -1.10 3.77
N PHE B 15 5.75 -0.61 3.79
CA PHE B 15 5.17 -0.08 5.01
C PHE B 15 3.99 -0.92 5.43
N ALA B 16 3.94 -1.31 6.69
CA ALA B 16 2.81 -2.07 7.16
C ALA B 16 2.19 -1.25 8.30
N TYR B 17 1.12 -0.53 7.99
CA TYR B 17 0.44 0.27 9.00
C TYR B 17 -0.61 -0.59 9.69
N SER B 18 -0.85 -0.33 10.96
CA SER B 18 -1.85 -1.11 11.71
C SER B 18 -3.26 -0.68 11.35
N THR B 19 -3.40 0.40 10.61
CA THR B 19 -4.73 0.88 10.19
C THR B 19 -4.68 1.69 8.90
N VAL B 20 -5.82 1.77 8.21
CA VAL B 20 -5.90 2.56 6.98
C VAL B 20 -5.93 4.03 7.39
N PRO B 21 -5.53 4.94 6.48
CA PRO B 21 -5.50 6.38 6.76
C PRO B 21 -6.80 6.94 7.33
N GLY B 22 -6.65 7.78 8.36
CA GLY B 22 -7.79 8.42 8.99
C GLY B 22 -8.54 7.69 10.09
N TYR B 23 -8.10 6.49 10.47
CA TYR B 23 -8.79 5.72 11.50
C TYR B 23 -7.98 5.43 12.75
N TYR B 24 -8.64 4.75 13.69
CA TYR B 24 -8.03 4.36 14.96
C TYR B 24 -7.35 3.00 14.89
N SER B 25 -6.46 2.78 15.86
CA SER B 25 -5.75 1.51 15.99
C SER B 25 -6.04 1.11 17.42
N TRP B 26 -6.71 -0.02 17.59
CA TRP B 26 -7.08 -0.50 18.91
C TRP B 26 -6.00 -1.27 19.65
N ARG B 27 -5.83 -0.92 20.92
CA ARG B 27 -4.84 -1.51 21.80
C ARG B 27 -5.46 -1.94 23.13
N SER B 28 -5.20 -3.18 23.53
CA SER B 28 -5.71 -3.72 24.78
C SER B 28 -4.61 -3.72 25.85
N PRO B 29 -4.76 -2.90 26.91
CA PRO B 29 -3.75 -2.84 27.98
C PRO B 29 -3.24 -4.18 28.49
N GLY B 30 -4.11 -5.18 28.52
CA GLY B 30 -3.71 -6.49 29.00
C GLY B 30 -3.20 -7.43 27.94
N ARG B 31 -3.66 -7.27 26.70
CA ARG B 31 -3.24 -8.14 25.60
C ARG B 31 -2.38 -7.47 24.55
N GLY B 32 -2.33 -6.15 24.57
CA GLY B 32 -1.54 -5.44 23.57
C GLY B 32 -2.40 -5.05 22.38
N SER B 33 -1.82 -4.37 21.41
CA SER B 33 -2.57 -3.95 20.23
C SER B 33 -3.00 -5.12 19.32
N TRP B 34 -4.03 -4.90 18.52
CA TRP B 34 -4.55 -5.91 17.60
C TRP B 34 -3.56 -6.25 16.49
N PHE B 35 -3.04 -5.21 15.86
CA PHE B 35 -2.10 -5.40 14.78
C PHE B 35 -0.89 -6.21 15.20
N VAL B 36 -0.22 -5.79 16.28
CA VAL B 36 0.96 -6.51 16.76
C VAL B 36 0.63 -7.93 17.16
N GLN B 37 -0.48 -8.12 17.88
CA GLN B 37 -0.87 -9.47 18.28
C GLN B 37 -0.95 -10.36 17.03
N ALA B 38 -1.71 -9.93 16.03
CA ALA B 38 -1.88 -10.71 14.80
C ALA B 38 -0.56 -10.91 14.06
N LEU B 39 0.24 -9.86 13.94
CA LEU B 39 1.52 -9.94 13.24
C LEU B 39 2.43 -10.98 13.87
N CYS B 40 2.55 -10.95 15.18
CA CYS B 40 3.41 -11.89 15.88
C CYS B 40 2.92 -13.33 15.76
N SER B 41 1.62 -13.58 15.91
CA SER B 41 1.15 -14.96 15.81
C SER B 41 1.33 -15.54 14.40
N ILE B 42 1.18 -14.72 13.36
CA ILE B 42 1.36 -15.23 12.00
C ILE B 42 2.85 -15.44 11.72
N LEU B 43 3.70 -14.54 12.22
CA LEU B 43 5.14 -14.66 12.00
C LEU B 43 5.76 -15.80 12.79
N GLU B 44 5.29 -16.03 14.02
CA GLU B 44 5.86 -17.10 14.82
C GLU B 44 5.38 -18.46 14.35
N GLU B 45 4.55 -18.47 13.32
CA GLU B 45 4.01 -19.70 12.79
C GLU B 45 4.23 -19.89 11.29
N HIS B 46 4.52 -18.80 10.58
CA HIS B 46 4.75 -18.85 9.13
C HIS B 46 5.86 -17.93 8.62
N GLY B 47 6.47 -17.18 9.53
CA GLY B 47 7.53 -16.26 9.15
C GLY B 47 8.62 -16.81 8.26
N LYS B 48 8.98 -18.07 8.47
CA LYS B 48 10.03 -18.71 7.70
C LYS B 48 9.59 -19.37 6.38
N ASP B 49 8.29 -19.60 6.20
CA ASP B 49 7.83 -20.23 4.97
C ASP B 49 6.90 -19.46 4.04
N LEU B 50 6.47 -18.27 4.43
CA LEU B 50 5.58 -17.51 3.55
C LEU B 50 6.21 -16.19 3.09
N GLU B 51 5.82 -15.76 1.90
CA GLU B 51 6.31 -14.51 1.31
C GLU B 51 5.75 -13.36 2.17
N ILE B 52 6.49 -12.26 2.30
CA ILE B 52 6.04 -11.14 3.12
C ILE B 52 4.61 -10.70 2.83
N MET B 53 4.21 -10.64 1.56
CA MET B 53 2.86 -10.21 1.23
C MET B 53 1.81 -11.21 1.67
N GLN B 54 2.11 -12.51 1.56
CA GLN B 54 1.18 -13.53 2.02
C GLN B 54 0.99 -13.37 3.52
N ILE B 55 2.07 -13.12 4.23
CA ILE B 55 2.04 -12.97 5.68
C ILE B 55 1.16 -11.81 6.11
N LEU B 56 1.44 -10.63 5.55
CA LEU B 56 0.68 -9.43 5.89
C LEU B 56 -0.78 -9.54 5.44
N THR B 57 -1.03 -10.31 4.39
CA THR B 57 -2.40 -10.48 3.96
C THR B 57 -3.10 -11.26 5.06
N ARG B 58 -2.47 -12.31 5.55
CA ARG B 58 -3.08 -13.10 6.61
C ARG B 58 -3.26 -12.23 7.86
N VAL B 59 -2.32 -11.33 8.12
CA VAL B 59 -2.46 -10.47 9.29
C VAL B 59 -3.68 -9.58 9.10
N ASN B 60 -3.88 -9.11 7.87
CA ASN B 60 -5.02 -8.25 7.54
C ASN B 60 -6.34 -8.89 7.92
N ASP B 61 -6.51 -10.14 7.48
CA ASP B 61 -7.71 -10.92 7.73
C ASP B 61 -7.90 -11.17 9.22
N ARG B 62 -6.86 -11.64 9.88
CA ARG B 62 -6.91 -11.92 11.31
C ARG B 62 -7.37 -10.70 12.10
N VAL B 63 -6.87 -9.52 11.73
CA VAL B 63 -7.26 -8.29 12.43
C VAL B 63 -8.67 -7.85 12.08
N ALA B 64 -9.07 -8.10 10.84
CA ALA B 64 -10.39 -7.71 10.38
C ALA B 64 -11.48 -8.59 10.97
N ARG B 65 -11.14 -9.86 11.19
CA ARG B 65 -12.10 -10.82 11.72
C ARG B 65 -12.05 -11.03 13.23
N HIS B 66 -11.03 -11.74 13.69
CA HIS B 66 -10.88 -12.05 15.10
C HIS B 66 -11.10 -10.92 16.12
N PHE B 67 -11.14 -9.67 15.67
CA PHE B 67 -11.31 -8.55 16.60
C PHE B 67 -12.57 -7.69 16.48
N GLU B 68 -12.96 -7.10 17.60
CA GLU B 68 -14.12 -6.22 17.69
C GLU B 68 -14.12 -5.52 19.05
N SER B 69 -13.88 -4.21 19.04
CA SER B 69 -13.81 -3.40 20.25
C SER B 69 -15.04 -3.45 21.15
N GLN B 70 -14.82 -3.18 22.43
CA GLN B 70 -15.87 -3.16 23.45
C GLN B 70 -15.62 -2.00 24.41
N SER B 71 -16.51 -1.01 24.41
CA SER B 71 -16.37 0.16 25.27
C SER B 71 -17.74 0.68 25.71
N ASP B 72 -17.76 1.53 26.73
CA ASP B 72 -18.99 2.11 27.26
C ASP B 72 -19.70 2.96 26.23
N ASP B 73 -19.18 4.17 26.02
CA ASP B 73 -19.74 5.12 25.07
C ASP B 73 -20.31 4.36 23.87
N PRO B 74 -21.64 4.41 23.68
CA PRO B 74 -22.28 3.70 22.57
C PRO B 74 -21.69 4.10 21.21
N HIS B 75 -20.85 5.13 21.21
CA HIS B 75 -20.20 5.62 20.01
C HIS B 75 -18.99 4.78 19.61
N PHE B 76 -18.25 4.31 20.61
CA PHE B 76 -17.05 3.49 20.37
C PHE B 76 -17.32 2.01 20.63
N HIS B 77 -18.60 1.63 20.60
CA HIS B 77 -19.02 0.25 20.84
C HIS B 77 -18.93 -0.58 19.56
N GLU B 78 -18.46 -1.83 19.70
CA GLU B 78 -18.33 -2.75 18.57
C GLU B 78 -17.69 -2.14 17.32
N LYS B 79 -16.43 -1.75 17.42
CA LYS B 79 -15.73 -1.16 16.27
C LYS B 79 -14.73 -2.12 15.62
N LYS B 80 -14.51 -1.93 14.32
CA LYS B 80 -13.61 -2.79 13.56
C LYS B 80 -12.30 -2.11 13.16
N GLN B 81 -11.38 -2.89 12.58
CA GLN B 81 -10.09 -2.38 12.13
C GLN B 81 -9.52 -3.15 10.95
N ILE B 82 -8.95 -2.44 9.99
CA ILE B 82 -8.34 -3.10 8.84
C ILE B 82 -6.96 -2.49 8.61
N PRO B 83 -5.90 -3.32 8.69
CA PRO B 83 -4.53 -2.83 8.48
C PRO B 83 -4.35 -2.38 7.05
N CYS B 84 -3.23 -1.75 6.79
CA CYS B 84 -2.93 -1.25 5.46
C CYS B 84 -1.49 -1.56 5.09
N VAL B 85 -1.29 -2.13 3.92
CA VAL B 85 0.06 -2.45 3.47
C VAL B 85 0.40 -1.65 2.22
N VAL B 86 1.53 -0.96 2.27
CA VAL B 86 1.99 -0.17 1.15
C VAL B 86 3.31 -0.76 0.70
N SER B 87 3.35 -1.25 -0.54
CA SER B 87 4.55 -1.88 -1.05
C SER B 87 5.19 -1.30 -2.30
N MET B 88 6.48 -1.03 -2.19
CA MET B 88 7.25 -0.55 -3.33
C MET B 88 8.32 -1.61 -3.59
N LEU B 89 8.09 -2.82 -3.09
CA LEU B 89 9.04 -3.89 -3.29
C LEU B 89 9.07 -4.24 -4.78
N THR B 90 10.17 -4.84 -5.23
CA THR B 90 10.31 -5.20 -6.63
C THR B 90 10.63 -6.67 -6.82
N LYS B 91 10.60 -7.42 -5.72
CA LYS B 91 10.87 -8.86 -5.73
C LYS B 91 10.08 -9.47 -4.58
N GLU B 92 9.93 -10.79 -4.59
CA GLU B 92 9.23 -11.45 -3.51
C GLU B 92 10.21 -11.52 -2.33
N LEU B 93 9.71 -11.50 -1.11
CA LEU B 93 10.56 -11.52 0.07
C LEU B 93 10.27 -12.68 1.02
N TYR B 94 11.30 -13.49 1.27
CA TYR B 94 11.20 -14.62 2.18
C TYR B 94 12.29 -14.43 3.22
N PHE B 95 11.97 -14.69 4.47
CA PHE B 95 12.96 -14.51 5.53
C PHE B 95 13.77 -15.78 5.79
N SER B 96 14.25 -16.42 4.73
CA SER B 96 15.05 -17.63 4.93
C SER B 96 15.78 -18.12 3.68
N GLN B 97 16.59 -19.16 3.89
CA GLN B 97 17.42 -19.81 2.86
C GLN B 97 18.61 -18.95 2.45
N THR C 34 -10.66 -20.67 2.75
CA THR C 34 -9.23 -20.82 3.15
C THR C 34 -8.47 -19.51 3.09
N TYR C 35 -7.47 -19.47 2.22
CA TYR C 35 -6.63 -18.29 2.09
C TYR C 35 -6.78 -17.55 0.76
N GLN C 36 -7.71 -18.01 -0.07
CA GLN C 36 -7.94 -17.39 -1.38
C GLN C 36 -9.38 -16.91 -1.51
N TYR C 37 -9.57 -15.80 -2.22
CA TYR C 37 -10.91 -15.28 -2.43
C TYR C 37 -11.61 -16.32 -3.31
N ASN C 38 -12.85 -16.62 -2.98
CA ASN C 38 -13.62 -17.58 -3.75
C ASN C 38 -13.93 -17.01 -5.14
N MET C 39 -13.44 -17.67 -6.18
CA MET C 39 -13.66 -17.23 -7.57
C MET C 39 -14.74 -18.02 -8.30
N ASN C 40 -15.48 -18.84 -7.58
CA ASN C 40 -16.50 -19.64 -8.22
C ASN C 40 -17.84 -18.92 -8.30
N PHE C 41 -17.95 -17.98 -9.23
CA PHE C 41 -19.19 -17.24 -9.44
C PHE C 41 -19.52 -17.31 -10.93
N GLU C 42 -20.75 -16.92 -11.27
CA GLU C 42 -21.22 -16.93 -12.64
C GLU C 42 -20.27 -16.13 -13.51
N LYS C 43 -19.92 -14.94 -13.05
CA LYS C 43 -19.01 -14.07 -13.78
C LYS C 43 -17.89 -13.49 -12.90
N LEU C 44 -16.73 -13.22 -13.51
CA LEU C 44 -15.59 -12.67 -12.80
C LEU C 44 -15.88 -11.26 -12.26
N GLY C 45 -16.53 -10.43 -13.06
CA GLY C 45 -16.87 -9.09 -12.60
C GLY C 45 -16.79 -7.98 -13.64
N LYS C 46 -17.23 -6.79 -13.22
CA LYS C 46 -17.24 -5.61 -14.08
C LYS C 46 -15.87 -4.92 -14.04
N CYS C 47 -15.40 -4.44 -15.19
CA CYS C 47 -14.12 -3.72 -15.23
C CYS C 47 -14.36 -2.37 -15.89
N ILE C 48 -14.44 -1.32 -15.09
CA ILE C 48 -14.67 0.03 -15.59
C ILE C 48 -13.40 0.82 -15.90
N ILE C 49 -13.28 1.25 -17.16
CA ILE C 49 -12.11 2.03 -17.56
C ILE C 49 -12.51 3.46 -17.90
N ILE C 50 -11.89 4.40 -17.21
CA ILE C 50 -12.14 5.81 -17.46
C ILE C 50 -10.93 6.36 -18.20
N ASN C 51 -11.12 6.62 -19.48
CA ASN C 51 -10.07 7.11 -20.34
C ASN C 51 -10.14 8.62 -20.59
N ASN C 52 -9.58 9.41 -19.68
CA ASN C 52 -9.59 10.87 -19.82
C ASN C 52 -8.44 11.40 -20.67
N LYS C 53 -8.75 11.90 -21.86
CA LYS C 53 -7.71 12.41 -22.74
C LYS C 53 -7.72 13.91 -22.97
N ASN C 54 -8.92 14.47 -23.10
CA ASN C 54 -9.07 15.90 -23.35
C ASN C 54 -9.61 16.62 -22.13
N PHE C 55 -9.06 17.81 -21.86
CA PHE C 55 -9.49 18.61 -20.71
C PHE C 55 -9.82 20.05 -21.07
N ASP C 56 -10.73 20.64 -20.31
CA ASP C 56 -11.11 22.04 -20.53
C ASP C 56 -9.89 22.96 -20.40
N LYS C 57 -9.79 23.93 -21.30
CA LYS C 57 -8.68 24.86 -21.27
C LYS C 57 -8.49 25.49 -19.88
N VAL C 58 -9.59 25.81 -19.20
CA VAL C 58 -9.48 26.45 -17.88
C VAL C 58 -8.76 25.64 -16.81
N THR C 59 -8.75 24.32 -16.94
CA THR C 59 -8.07 23.51 -15.92
C THR C 59 -6.56 23.62 -16.11
N GLY C 60 -6.13 24.14 -17.25
CA GLY C 60 -4.71 24.26 -17.50
C GLY C 60 -4.06 22.93 -17.86
N MET C 61 -4.87 21.88 -18.00
CA MET C 61 -4.35 20.57 -18.35
C MET C 61 -4.25 20.36 -19.84
N GLY C 62 -3.24 19.62 -20.28
CA GLY C 62 -3.07 19.37 -21.70
C GLY C 62 -3.53 17.99 -22.14
N VAL C 63 -3.56 17.78 -23.46
CA VAL C 63 -3.97 16.52 -24.06
C VAL C 63 -3.05 15.42 -23.54
N ARG C 64 -3.60 14.24 -23.27
CA ARG C 64 -2.77 13.15 -22.79
C ARG C 64 -2.57 12.17 -23.92
N ASN C 65 -1.69 12.53 -24.86
CA ASN C 65 -1.45 11.63 -25.97
C ASN C 65 -0.88 10.30 -25.48
N GLY C 66 -1.30 9.21 -26.11
CA GLY C 66 -0.84 7.90 -25.71
C GLY C 66 -1.83 7.20 -24.79
N THR C 67 -2.84 7.94 -24.31
CA THR C 67 -3.80 7.33 -23.42
C THR C 67 -4.74 6.35 -24.12
N ASP C 68 -4.99 6.54 -25.41
CA ASP C 68 -5.86 5.60 -26.11
C ASP C 68 -5.09 4.29 -26.24
N LYS C 69 -3.77 4.41 -26.36
CA LYS C 69 -2.92 3.23 -26.47
C LYS C 69 -3.09 2.43 -25.18
N ASP C 70 -3.07 3.11 -24.03
CA ASP C 70 -3.25 2.42 -22.76
C ASP C 70 -4.67 1.88 -22.62
N ALA C 71 -5.65 2.68 -23.05
CA ALA C 71 -7.03 2.25 -22.94
C ALA C 71 -7.34 1.00 -23.76
N GLU C 72 -6.78 0.88 -24.97
CA GLU C 72 -7.07 -0.30 -25.77
C GLU C 72 -6.34 -1.52 -25.22
N ALA C 73 -5.10 -1.32 -24.78
CA ALA C 73 -4.30 -2.40 -24.22
C ALA C 73 -5.01 -3.00 -23.01
N LEU C 74 -5.44 -2.12 -22.10
CA LEU C 74 -6.14 -2.51 -20.89
C LEU C 74 -7.43 -3.27 -21.18
N PHE C 75 -8.25 -2.72 -22.08
CA PHE C 75 -9.50 -3.37 -22.41
C PHE C 75 -9.27 -4.78 -22.98
N LYS C 76 -8.36 -4.91 -23.94
CA LYS C 76 -8.08 -6.22 -24.51
C LYS C 76 -7.59 -7.15 -23.43
N CYS C 77 -6.64 -6.67 -22.64
CA CYS C 77 -6.07 -7.44 -21.56
C CYS C 77 -7.09 -7.88 -20.49
N PHE C 78 -7.96 -6.97 -20.05
CA PHE C 78 -8.94 -7.34 -19.03
C PHE C 78 -10.10 -8.17 -19.55
N ARG C 79 -10.35 -8.13 -20.85
CA ARG C 79 -11.43 -8.93 -21.41
C ARG C 79 -10.93 -10.38 -21.42
N SER C 80 -9.64 -10.57 -21.68
CA SER C 80 -9.05 -11.91 -21.71
C SER C 80 -9.10 -12.56 -20.34
N LEU C 81 -9.01 -11.74 -19.30
CA LEU C 81 -9.06 -12.26 -17.94
C LEU C 81 -10.48 -12.74 -17.61
N GLY C 82 -11.47 -12.23 -18.32
CA GLY C 82 -12.83 -12.65 -18.03
C GLY C 82 -13.75 -11.57 -17.50
N PHE C 83 -13.26 -10.33 -17.44
CA PHE C 83 -14.06 -9.20 -16.95
C PHE C 83 -15.02 -8.70 -18.04
N ASP C 84 -16.14 -8.09 -17.64
CA ASP C 84 -17.05 -7.50 -18.61
C ASP C 84 -16.58 -6.07 -18.55
N VAL C 85 -15.73 -5.67 -19.48
CA VAL C 85 -15.20 -4.31 -19.43
C VAL C 85 -15.98 -3.28 -20.23
N ILE C 86 -16.02 -2.08 -19.67
CA ILE C 86 -16.70 -0.92 -20.25
C ILE C 86 -15.70 0.23 -20.31
N VAL C 87 -15.60 0.89 -21.46
CA VAL C 87 -14.67 2.03 -21.57
C VAL C 87 -15.41 3.36 -21.68
N TYR C 88 -15.04 4.30 -20.80
CA TYR C 88 -15.62 5.63 -20.78
C TYR C 88 -14.57 6.63 -21.23
N ASN C 89 -14.97 7.69 -21.91
CA ASN C 89 -13.99 8.67 -22.39
C ASN C 89 -14.27 10.11 -22.01
N ASP C 90 -13.21 10.89 -21.83
CA ASP C 90 -13.32 12.30 -21.46
C ASP C 90 -14.48 12.58 -20.50
N CYS C 91 -14.41 11.99 -19.31
CA CYS C 91 -15.47 12.16 -18.34
C CYS C 91 -15.29 13.37 -17.45
N SER C 92 -16.41 14.03 -17.14
CA SER C 92 -16.40 15.17 -16.24
C SER C 92 -16.32 14.61 -14.82
N CYS C 93 -16.13 15.45 -13.82
CA CYS C 93 -16.06 14.95 -12.45
C CYS C 93 -17.44 14.41 -12.06
N ALA C 94 -18.49 15.15 -12.37
CA ALA C 94 -19.84 14.69 -12.03
C ALA C 94 -20.11 13.34 -12.68
N LYS C 95 -19.63 13.18 -13.91
CA LYS C 95 -19.80 11.93 -14.64
C LYS C 95 -19.02 10.79 -13.95
N MET C 96 -17.77 11.04 -13.61
CA MET C 96 -16.98 10.00 -12.93
C MET C 96 -17.68 9.57 -11.64
N GLN C 97 -18.09 10.54 -10.84
CA GLN C 97 -18.78 10.27 -9.58
C GLN C 97 -20.06 9.46 -9.78
N ASP C 98 -20.92 9.96 -10.66
CA ASP C 98 -22.19 9.32 -10.93
C ASP C 98 -21.99 7.93 -11.50
N LEU C 99 -21.12 7.84 -12.46
CA LEU C 99 -20.74 6.59 -13.11
C LEU C 99 -20.39 5.53 -12.08
N LEU C 100 -19.46 5.85 -11.16
CA LEU C 100 -19.06 4.89 -10.14
C LEU C 100 -20.14 4.64 -9.10
N LYS C 101 -20.90 5.68 -8.75
CA LYS C 101 -21.96 5.51 -7.76
C LYS C 101 -22.98 4.49 -8.26
N LYS C 102 -23.36 4.61 -9.54
CA LYS C 102 -24.31 3.69 -10.14
C LYS C 102 -23.73 2.29 -10.25
N ALA C 103 -22.43 2.17 -10.47
CA ALA C 103 -21.83 0.86 -10.55
C ALA C 103 -21.90 0.18 -9.18
N SER C 104 -21.70 0.97 -8.12
CA SER C 104 -21.72 0.43 -6.77
C SER C 104 -23.14 0.06 -6.34
N GLU C 105 -24.14 0.48 -7.11
CA GLU C 105 -25.52 0.18 -6.76
C GLU C 105 -26.12 -0.95 -7.58
N GLU C 106 -25.38 -1.47 -8.54
CA GLU C 106 -25.90 -2.58 -9.34
C GLU C 106 -25.82 -3.83 -8.46
N ASP C 107 -26.30 -4.97 -8.93
CA ASP C 107 -26.26 -6.20 -8.13
C ASP C 107 -25.07 -7.06 -8.51
N HIS C 108 -24.07 -7.11 -7.64
CA HIS C 108 -22.86 -7.87 -7.88
C HIS C 108 -22.86 -9.29 -7.30
N THR C 109 -24.01 -9.70 -6.77
CA THR C 109 -24.15 -11.02 -6.16
C THR C 109 -23.53 -12.17 -6.93
N ASN C 110 -23.57 -12.12 -8.25
CA ASN C 110 -23.01 -13.20 -9.02
C ASN C 110 -21.60 -12.95 -9.57
N ALA C 111 -20.91 -11.94 -9.04
CA ALA C 111 -19.56 -11.61 -9.49
C ALA C 111 -18.49 -11.89 -8.45
N ALA C 112 -17.33 -12.37 -8.92
CA ALA C 112 -16.21 -12.67 -8.05
C ALA C 112 -15.54 -11.42 -7.48
N CYS C 113 -15.48 -10.35 -8.27
CA CYS C 113 -14.85 -9.13 -7.82
C CYS C 113 -15.22 -7.93 -8.69
N PHE C 114 -14.57 -6.80 -8.42
CA PHE C 114 -14.81 -5.57 -9.16
C PHE C 114 -13.49 -4.86 -9.46
N ALA C 115 -13.35 -4.30 -10.65
CA ALA C 115 -12.12 -3.60 -11.01
C ALA C 115 -12.39 -2.30 -11.75
N CYS C 116 -11.68 -1.25 -11.36
CA CYS C 116 -11.81 0.06 -11.99
C CYS C 116 -10.41 0.59 -12.33
N ILE C 117 -10.26 1.16 -13.51
CA ILE C 117 -8.97 1.69 -13.94
C ILE C 117 -9.10 3.16 -14.34
N LEU C 118 -8.34 4.04 -13.70
CA LEU C 118 -8.41 5.47 -14.00
C LEU C 118 -7.17 5.96 -14.74
N LEU C 119 -7.40 6.59 -15.89
CA LEU C 119 -6.29 7.13 -16.69
C LEU C 119 -6.53 8.63 -16.87
N SER C 120 -5.78 9.46 -16.15
CA SER C 120 -5.98 10.89 -16.28
C SER C 120 -4.85 11.69 -15.64
N HIS C 121 -5.05 13.00 -15.52
CA HIS C 121 -4.08 13.87 -14.86
C HIS C 121 -4.35 13.72 -13.36
N GLY C 122 -3.41 14.11 -12.53
CA GLY C 122 -3.63 13.99 -11.11
C GLY C 122 -2.64 14.75 -10.27
N GLU C 123 -2.92 14.77 -8.97
CA GLU C 123 -2.09 15.43 -7.97
C GLU C 123 -2.33 14.60 -6.73
N GLU C 124 -1.50 14.75 -5.70
CA GLU C 124 -1.67 13.94 -4.51
C GLU C 124 -3.12 13.88 -4.03
N ASN C 125 -3.66 12.66 -4.01
CA ASN C 125 -5.02 12.37 -3.56
C ASN C 125 -6.12 12.78 -4.49
N VAL C 126 -5.75 13.33 -5.64
CA VAL C 126 -6.77 13.80 -6.57
C VAL C 126 -6.61 13.29 -8.00
N ILE C 127 -7.73 13.15 -8.69
CA ILE C 127 -7.72 12.70 -10.06
C ILE C 127 -8.51 13.75 -10.85
N TYR C 128 -8.07 14.04 -12.07
CA TYR C 128 -8.73 15.03 -12.89
C TYR C 128 -9.86 14.53 -13.77
N GLY C 129 -10.86 15.38 -13.93
CA GLY C 129 -11.95 15.09 -14.84
C GLY C 129 -11.69 16.15 -15.90
N LYS C 130 -12.44 16.17 -16.99
CA LYS C 130 -12.17 17.21 -17.98
C LYS C 130 -12.60 18.52 -17.34
N ASP C 131 -13.61 18.39 -16.48
CA ASP C 131 -14.24 19.45 -15.70
C ASP C 131 -13.21 20.15 -14.82
N GLY C 132 -12.54 19.35 -14.00
CA GLY C 132 -11.56 19.86 -13.07
C GLY C 132 -11.02 18.74 -12.20
N VAL C 133 -11.11 18.92 -10.89
CA VAL C 133 -10.55 17.94 -9.94
C VAL C 133 -11.51 17.27 -8.92
N THR C 134 -11.28 15.99 -8.65
CA THR C 134 -12.10 15.25 -7.68
C THR C 134 -11.26 14.23 -6.89
N PRO C 135 -11.48 14.13 -5.57
CA PRO C 135 -10.75 13.20 -4.69
C PRO C 135 -10.91 11.73 -5.01
N ILE C 136 -9.81 11.01 -5.04
CA ILE C 136 -9.87 9.59 -5.33
C ILE C 136 -10.68 8.84 -4.26
N LYS C 137 -10.54 9.26 -3.02
CA LYS C 137 -11.25 8.63 -1.91
C LYS C 137 -12.77 8.69 -2.10
N ASP C 138 -13.27 9.82 -2.60
CA ASP C 138 -14.71 9.93 -2.82
C ASP C 138 -15.20 9.01 -3.95
N LEU C 139 -14.32 8.71 -4.91
CA LEU C 139 -14.68 7.83 -6.01
C LEU C 139 -14.74 6.38 -5.57
N THR C 140 -13.78 5.97 -4.74
CA THR C 140 -13.72 4.59 -4.26
C THR C 140 -14.62 4.29 -3.08
N ALA C 141 -14.99 5.31 -2.32
CA ALA C 141 -15.85 5.14 -1.15
C ALA C 141 -17.21 4.53 -1.50
N HIS C 142 -17.70 4.76 -2.72
CA HIS C 142 -18.99 4.21 -3.11
C HIS C 142 -19.01 2.69 -2.97
N PHE C 143 -17.82 2.08 -2.87
CA PHE C 143 -17.75 0.63 -2.75
C PHE C 143 -17.38 0.11 -1.37
N ARG C 144 -17.43 0.96 -0.35
CA ARG C 144 -17.09 0.52 0.99
C ARG C 144 -18.05 -0.62 1.35
N GLY C 145 -17.67 -1.41 2.34
CA GLY C 145 -18.51 -2.52 2.75
C GLY C 145 -19.95 -2.19 3.08
N ASP C 146 -20.18 -1.06 3.73
CA ASP C 146 -21.54 -0.67 4.12
C ASP C 146 -22.35 0.09 3.05
N ARG C 147 -21.75 0.32 1.88
CA ARG C 147 -22.44 1.06 0.84
C ARG C 147 -22.59 0.25 -0.44
N CYS C 148 -22.06 -0.96 -0.41
CA CYS C 148 -22.11 -1.85 -1.56
C CYS C 148 -22.10 -3.27 -1.00
N LYS C 149 -23.19 -3.63 -0.33
CA LYS C 149 -23.35 -4.93 0.29
C LYS C 149 -23.10 -6.12 -0.64
N THR C 150 -23.33 -5.96 -1.94
CA THR C 150 -23.11 -7.09 -2.83
C THR C 150 -21.66 -7.37 -3.20
N LEU C 151 -20.76 -6.44 -2.87
CA LEU C 151 -19.33 -6.66 -3.14
C LEU C 151 -18.61 -6.92 -1.82
N LEU C 152 -19.39 -7.13 -0.77
CA LEU C 152 -18.86 -7.40 0.57
C LEU C 152 -18.03 -8.69 0.58
N GLU C 153 -16.87 -8.65 1.21
CA GLU C 153 -15.96 -9.80 1.28
C GLU C 153 -15.37 -10.16 -0.09
N LYS C 154 -15.54 -9.26 -1.05
CA LYS C 154 -15.01 -9.48 -2.40
C LYS C 154 -13.96 -8.41 -2.72
N PRO C 155 -12.93 -8.77 -3.48
CA PRO C 155 -11.88 -7.79 -3.80
C PRO C 155 -12.35 -6.65 -4.71
N LYS C 156 -12.05 -5.42 -4.30
CA LYS C 156 -12.39 -4.22 -5.04
C LYS C 156 -11.07 -3.60 -5.49
N LEU C 157 -10.75 -3.75 -6.77
CA LEU C 157 -9.48 -3.27 -7.31
C LEU C 157 -9.50 -1.95 -8.06
N PHE C 158 -8.54 -1.08 -7.76
CA PHE C 158 -8.44 0.20 -8.46
C PHE C 158 -7.04 0.43 -8.97
N PHE C 159 -6.89 0.51 -10.29
CA PHE C 159 -5.58 0.77 -10.89
C PHE C 159 -5.62 2.24 -11.29
N ILE C 160 -4.59 2.98 -10.94
CA ILE C 160 -4.58 4.41 -11.24
C ILE C 160 -3.32 4.94 -11.91
N GLN C 161 -3.52 5.49 -13.11
CA GLN C 161 -2.44 6.08 -13.90
C GLN C 161 -2.65 7.58 -13.88
N ALA C 162 -1.93 8.26 -12.98
CA ALA C 162 -2.02 9.70 -12.81
C ALA C 162 -0.87 10.19 -11.94
N CYS C 163 -0.56 11.48 -11.98
CA CYS C 163 0.52 11.98 -11.15
C CYS C 163 0.01 12.18 -9.73
N ARG C 164 0.93 12.27 -8.78
CA ARG C 164 0.53 12.44 -7.38
C ARG C 164 1.40 13.48 -6.71
N GLY C 165 1.83 14.45 -7.49
CA GLY C 165 2.69 15.51 -6.99
C GLY C 165 3.55 15.98 -8.14
N THR C 166 4.54 16.81 -7.88
CA THR C 166 5.41 17.32 -8.94
C THR C 166 6.89 17.03 -8.76
N GLU C 167 7.21 15.97 -8.01
CA GLU C 167 8.59 15.59 -7.75
C GLU C 167 9.12 14.60 -8.79
N LEU C 168 10.42 14.68 -9.06
CA LEU C 168 11.09 13.81 -10.03
C LEU C 168 12.07 12.88 -9.33
N ASP C 169 11.97 11.59 -9.63
CA ASP C 169 12.89 10.61 -9.05
C ASP C 169 14.11 10.60 -9.97
N ASP C 170 15.25 11.03 -9.44
CA ASP C 170 16.48 11.12 -10.22
C ASP C 170 17.19 9.79 -10.48
N GLY C 171 17.06 8.84 -9.54
CA GLY C 171 17.70 7.56 -9.71
C GLY C 171 19.01 7.42 -8.94
N ILE C 172 19.64 6.25 -9.05
CA ILE C 172 20.89 6.00 -8.36
C ILE C 172 21.64 4.83 -9.02
N GLN C 173 22.97 4.91 -9.02
CA GLN C 173 23.83 3.88 -9.62
C GLN C 173 23.63 3.82 -11.13
N TYR D 5 -18.59 -12.36 12.79
CA TYR D 5 -19.68 -11.36 12.98
C TYR D 5 -19.59 -10.22 11.95
N LYS D 6 -18.75 -9.22 12.19
CA LYS D 6 -18.63 -8.11 11.25
C LYS D 6 -17.31 -8.03 10.46
N ILE D 7 -17.29 -7.11 9.50
CA ILE D 7 -16.14 -6.87 8.64
C ILE D 7 -15.98 -5.36 8.45
N PRO D 8 -14.73 -4.86 8.44
CA PRO D 8 -14.49 -3.41 8.27
C PRO D 8 -14.94 -2.91 6.89
N VAL D 9 -15.47 -1.69 6.86
CA VAL D 9 -15.96 -1.11 5.62
C VAL D 9 -14.83 -0.83 4.61
N GLU D 10 -13.62 -0.61 5.12
CA GLU D 10 -12.48 -0.33 4.26
C GLU D 10 -11.75 -1.59 3.81
N ALA D 11 -12.25 -2.75 4.21
CA ALA D 11 -11.61 -4.00 3.86
C ALA D 11 -11.85 -4.49 2.43
N ASP D 12 -10.87 -5.24 1.94
CA ASP D 12 -10.92 -5.83 0.61
C ASP D 12 -10.73 -4.88 -0.56
N PHE D 13 -10.01 -3.79 -0.30
CA PHE D 13 -9.69 -2.80 -1.34
C PHE D 13 -8.22 -2.97 -1.68
N LEU D 14 -7.87 -2.79 -2.94
CA LEU D 14 -6.47 -2.83 -3.37
C LEU D 14 -6.30 -1.68 -4.35
N PHE D 15 -5.29 -0.86 -4.12
CA PHE D 15 -5.01 0.27 -4.99
C PHE D 15 -3.64 0.09 -5.61
N ALA D 16 -3.59 0.12 -6.93
CA ALA D 16 -2.29 0.01 -7.59
C ALA D 16 -2.02 1.33 -8.29
N TYR D 17 -1.24 2.21 -7.66
CA TYR D 17 -0.90 3.49 -8.27
C TYR D 17 0.35 3.37 -9.15
N SER D 18 0.35 4.09 -10.27
CA SER D 18 1.48 4.07 -11.19
C SER D 18 2.73 4.70 -10.55
N THR D 19 2.55 5.51 -9.51
CA THR D 19 3.70 6.12 -8.85
C THR D 19 3.48 6.34 -7.35
N VAL D 20 4.57 6.50 -6.61
CA VAL D 20 4.50 6.74 -5.17
C VAL D 20 3.98 8.15 -4.95
N PRO D 21 3.50 8.46 -3.74
CA PRO D 21 2.98 9.80 -3.41
C PRO D 21 3.99 10.92 -3.66
N GLY D 22 3.48 12.04 -4.14
CA GLY D 22 4.34 13.20 -4.38
C GLY D 22 5.15 13.25 -5.66
N TYR D 23 5.10 12.20 -6.47
CA TYR D 23 5.87 12.15 -7.72
C TYR D 23 5.09 12.14 -9.03
N TYR D 24 5.82 12.26 -10.13
CA TYR D 24 5.25 12.24 -11.46
C TYR D 24 5.14 10.80 -11.92
N SER D 25 4.37 10.61 -13.00
CA SER D 25 4.16 9.32 -13.61
C SER D 25 4.37 9.61 -15.09
N TRP D 26 5.18 8.79 -15.76
CA TRP D 26 5.50 9.03 -17.17
C TRP D 26 4.67 8.29 -18.20
N ARG D 27 4.44 8.96 -19.33
CA ARG D 27 3.64 8.43 -20.42
C ARG D 27 4.21 8.83 -21.77
N SER D 28 4.22 7.88 -22.71
CA SER D 28 4.72 8.13 -24.06
C SER D 28 3.59 8.40 -25.04
N PRO D 29 3.71 9.45 -25.88
CA PRO D 29 2.68 9.79 -26.86
C PRO D 29 2.48 8.69 -27.90
N GLY D 30 3.47 7.83 -28.07
CA GLY D 30 3.35 6.78 -29.05
C GLY D 30 3.35 5.39 -28.46
N ARG D 31 3.77 5.27 -27.20
CA ARG D 31 3.79 3.95 -26.57
C ARG D 31 2.76 3.77 -25.46
N GLY D 32 2.48 4.84 -24.72
CA GLY D 32 1.53 4.77 -23.62
C GLY D 32 2.29 5.01 -22.33
N SER D 33 1.63 4.91 -21.19
CA SER D 33 2.33 5.13 -19.92
C SER D 33 3.17 3.90 -19.54
N TRP D 34 4.18 4.10 -18.70
CA TRP D 34 5.05 3.00 -18.29
C TRP D 34 4.33 1.95 -17.44
N PHE D 35 3.56 2.43 -16.48
CA PHE D 35 2.81 1.56 -15.59
C PHE D 35 1.81 0.66 -16.34
N VAL D 36 1.02 1.25 -17.24
CA VAL D 36 0.04 0.48 -17.98
C VAL D 36 0.68 -0.52 -18.93
N GLN D 37 1.69 -0.07 -19.68
CA GLN D 37 2.40 -0.95 -20.61
C GLN D 37 2.87 -2.19 -19.83
N ALA D 38 3.56 -1.95 -18.73
CA ALA D 38 4.07 -3.02 -17.87
C ALA D 38 2.97 -3.93 -17.34
N LEU D 39 1.95 -3.33 -16.73
CA LEU D 39 0.83 -4.08 -16.19
C LEU D 39 0.28 -5.03 -17.25
N CYS D 40 -0.17 -4.49 -18.38
CA CYS D 40 -0.71 -5.31 -19.45
C CYS D 40 0.24 -6.43 -19.88
N SER D 41 1.51 -6.08 -20.03
CA SER D 41 2.52 -7.04 -20.41
C SER D 41 2.54 -8.22 -19.44
N ILE D 42 2.70 -7.93 -18.15
CA ILE D 42 2.74 -8.98 -17.14
C ILE D 42 1.40 -9.75 -17.11
N LEU D 43 0.27 -9.04 -17.21
CA LEU D 43 -1.02 -9.73 -17.19
C LEU D 43 -1.20 -10.70 -18.36
N GLU D 44 -0.71 -10.34 -19.54
CA GLU D 44 -0.81 -11.23 -20.70
C GLU D 44 -0.08 -12.52 -20.36
N GLU D 45 1.16 -12.37 -19.91
CA GLU D 45 1.99 -13.51 -19.57
C GLU D 45 1.62 -14.29 -18.31
N HIS D 46 1.13 -13.62 -17.27
CA HIS D 46 0.81 -14.33 -16.03
C HIS D 46 -0.53 -14.08 -15.34
N GLY D 47 -1.42 -13.34 -15.97
CA GLY D 47 -2.71 -13.04 -15.35
C GLY D 47 -3.44 -14.25 -14.79
N LYS D 48 -3.35 -15.37 -15.51
CA LYS D 48 -4.03 -16.59 -15.11
C LYS D 48 -3.32 -17.46 -14.08
N ASP D 49 -2.03 -17.25 -13.85
CA ASP D 49 -1.31 -18.10 -12.90
C ASP D 49 -0.48 -17.44 -11.80
N LEU D 50 -0.65 -16.14 -11.59
CA LEU D 50 0.09 -15.48 -10.53
C LEU D 50 -0.86 -14.78 -9.58
N GLU D 51 -0.51 -14.76 -8.31
CA GLU D 51 -1.34 -14.10 -7.31
C GLU D 51 -1.24 -12.60 -7.64
N ILE D 52 -2.31 -11.86 -7.37
CA ILE D 52 -2.33 -10.43 -7.68
C ILE D 52 -1.08 -9.68 -7.17
N MET D 53 -0.65 -9.93 -5.94
CA MET D 53 0.52 -9.26 -5.39
C MET D 53 1.84 -9.63 -6.09
N GLN D 54 1.87 -10.80 -6.71
CA GLN D 54 3.07 -11.24 -7.44
C GLN D 54 3.13 -10.47 -8.76
N ILE D 55 1.97 -10.32 -9.38
CA ILE D 55 1.88 -9.60 -10.63
C ILE D 55 2.27 -8.13 -10.42
N LEU D 56 1.74 -7.48 -9.38
CA LEU D 56 2.07 -6.07 -9.17
C LEU D 56 3.50 -5.88 -8.72
N THR D 57 4.05 -6.87 -8.03
CA THR D 57 5.43 -6.77 -7.58
C THR D 57 6.28 -6.84 -8.84
N ARG D 58 5.92 -7.71 -9.76
CA ARG D 58 6.66 -7.81 -11.00
C ARG D 58 6.50 -6.54 -11.81
N VAL D 59 5.33 -5.90 -11.72
CA VAL D 59 5.12 -4.66 -12.46
C VAL D 59 5.96 -3.55 -11.84
N ASN D 60 6.17 -3.62 -10.53
CA ASN D 60 6.99 -2.61 -9.87
C ASN D 60 8.41 -2.70 -10.39
N ASP D 61 8.92 -3.93 -10.51
CA ASP D 61 10.27 -4.15 -10.98
C ASP D 61 10.43 -3.64 -12.41
N ARG D 62 9.52 -4.04 -13.30
CA ARG D 62 9.60 -3.63 -14.69
C ARG D 62 9.61 -2.12 -14.89
N VAL D 63 8.79 -1.39 -14.14
CA VAL D 63 8.75 0.06 -14.28
C VAL D 63 10.05 0.66 -13.73
N ALA D 64 10.46 0.18 -12.56
CA ALA D 64 11.67 0.66 -11.92
C ALA D 64 12.92 0.46 -12.78
N ARG D 65 13.01 -0.65 -13.52
CA ARG D 65 14.20 -0.96 -14.32
C ARG D 65 14.30 -0.58 -15.80
N HIS D 66 13.42 -1.19 -16.58
CA HIS D 66 13.32 -1.03 -18.03
C HIS D 66 13.30 0.42 -18.51
N PHE D 67 12.44 1.24 -17.91
CA PHE D 67 12.30 2.63 -18.34
C PHE D 67 13.20 3.70 -17.73
N GLU D 68 13.32 4.81 -18.47
CA GLU D 68 14.09 5.99 -18.07
C GLU D 68 13.73 7.11 -19.05
N SER D 69 13.11 8.17 -18.52
CA SER D 69 12.67 9.31 -19.33
C SER D 69 13.77 10.05 -20.09
N GLN D 70 13.66 10.03 -21.41
CA GLN D 70 14.62 10.70 -22.28
C GLN D 70 14.03 12.03 -22.75
N SER D 71 14.49 13.12 -22.13
CA SER D 71 14.01 14.45 -22.49
C SER D 71 15.21 15.40 -22.56
N ASP D 72 15.11 16.43 -23.40
CA ASP D 72 16.20 17.39 -23.56
C ASP D 72 16.13 18.53 -22.57
N ASP D 73 16.19 18.17 -21.28
CA ASP D 73 16.15 19.14 -20.18
C ASP D 73 16.80 18.46 -18.97
N PRO D 74 17.78 19.13 -18.33
CA PRO D 74 18.48 18.59 -17.16
C PRO D 74 17.56 18.15 -16.02
N HIS D 75 16.42 18.83 -15.90
CA HIS D 75 15.45 18.52 -14.86
C HIS D 75 14.67 17.24 -15.15
N PHE D 76 14.14 17.13 -16.36
CA PHE D 76 13.34 15.96 -16.77
C PHE D 76 14.15 14.88 -17.47
N HIS D 77 15.47 15.01 -17.50
CA HIS D 77 16.32 14.03 -18.17
C HIS D 77 16.68 12.79 -17.34
N GLU D 78 16.52 11.63 -17.98
CA GLU D 78 16.83 10.33 -17.39
C GLU D 78 16.28 10.10 -15.98
N LYS D 79 14.99 10.37 -15.80
CA LYS D 79 14.36 10.20 -14.50
C LYS D 79 13.65 8.86 -14.38
N LYS D 80 13.50 8.39 -13.14
CA LYS D 80 12.87 7.10 -12.87
C LYS D 80 11.45 7.17 -12.33
N GLN D 81 10.89 5.99 -12.05
CA GLN D 81 9.53 5.88 -11.54
C GLN D 81 9.34 4.55 -10.82
N ILE D 82 8.67 4.58 -9.67
CA ILE D 82 8.41 3.35 -8.92
C ILE D 82 6.92 3.32 -8.58
N PRO D 83 6.20 2.27 -9.03
CA PRO D 83 4.76 2.15 -8.75
C PRO D 83 4.52 1.93 -7.27
N CYS D 84 3.27 2.06 -6.85
CA CYS D 84 2.90 1.94 -5.45
C CYS D 84 1.65 1.09 -5.25
N VAL D 85 1.74 0.03 -4.45
CA VAL D 85 0.60 -0.83 -4.22
C VAL D 85 0.10 -0.73 -2.78
N VAL D 86 -1.18 -0.43 -2.61
CA VAL D 86 -1.76 -0.32 -1.27
C VAL D 86 -2.77 -1.46 -1.13
N SER D 87 -2.55 -2.34 -0.15
CA SER D 87 -3.47 -3.47 -0.02
C SER D 87 -4.19 -3.64 1.30
N MET D 88 -5.51 -3.77 1.23
CA MET D 88 -6.34 -3.99 2.40
C MET D 88 -7.02 -5.35 2.17
N LEU D 89 -6.49 -6.12 1.20
CA LEU D 89 -7.05 -7.43 0.91
C LEU D 89 -6.86 -8.35 2.10
N THR D 90 -7.74 -9.32 2.25
CA THR D 90 -7.64 -10.24 3.38
C THR D 90 -7.46 -11.69 2.91
N LYS D 91 -7.19 -11.86 1.62
CA LYS D 91 -7.00 -13.19 1.03
C LYS D 91 -6.09 -13.09 -0.18
N GLU D 92 -5.64 -14.23 -0.68
CA GLU D 92 -4.81 -14.24 -1.87
C GLU D 92 -5.79 -14.15 -3.03
N LEU D 93 -5.39 -13.49 -4.12
CA LEU D 93 -6.28 -13.33 -5.26
C LEU D 93 -5.75 -13.86 -6.58
N TYR D 94 -6.43 -14.87 -7.11
CA TYR D 94 -6.06 -15.48 -8.38
C TYR D 94 -7.25 -15.30 -9.31
N PHE D 95 -7.00 -14.90 -10.55
CA PHE D 95 -8.08 -14.68 -11.52
C PHE D 95 -8.63 -15.91 -12.24
N SER D 96 -8.36 -17.11 -11.74
CA SER D 96 -8.87 -18.31 -12.40
C SER D 96 -9.26 -19.43 -11.45
N GLN D 97 -9.71 -20.55 -12.01
CA GLN D 97 -10.15 -21.74 -11.26
C GLN D 97 -11.34 -21.47 -10.34
N TRP E 2 -9.96 -1.64 25.88
CA TRP E 2 -9.65 -1.37 24.50
C TRP E 2 -9.50 0.20 24.37
N GLU E 3 -8.28 0.73 24.11
CA GLU E 3 -8.02 2.18 23.95
C GLU E 3 -7.55 2.39 22.51
N HIS E 4 -6.93 3.52 22.21
CA HIS E 4 -6.44 3.74 20.86
C HIS E 4 -5.14 4.54 20.77
N TRP F 2 8.89 11.27 -23.48
CA TRP F 2 7.89 11.01 -22.48
C TRP F 2 7.39 12.31 -21.85
N GLU F 3 6.15 12.30 -21.48
CA GLU F 3 5.46 13.43 -20.87
C GLU F 3 5.00 12.90 -19.51
N HIS F 4 4.35 13.73 -18.70
CA HIS F 4 3.91 13.24 -17.39
C HIS F 4 2.41 13.42 -17.10
N GLN G 1 11.12 -19.96 -3.56
CA GLN G 1 10.02 -20.95 -3.34
C GLN G 1 9.01 -20.89 -4.50
N GLY G 2 7.75 -20.68 -4.15
CA GLY G 2 6.70 -20.61 -5.14
C GLY G 2 5.34 -20.86 -4.50
N HIS G 3 4.44 -19.91 -4.65
CA HIS G 3 3.11 -20.03 -4.08
C HIS G 3 2.39 -21.24 -4.66
N GLY G 4 1.41 -21.73 -3.91
CA GLY G 4 0.62 -22.87 -4.36
C GLY G 4 -0.84 -22.47 -4.21
N GLU G 5 -1.61 -22.56 -5.30
CA GLU G 5 -3.03 -22.20 -5.25
C GLU G 5 -3.81 -23.15 -4.34
#